data_4C8M
#
_entry.id   4C8M
#
_cell.length_a   65.374
_cell.length_b   101.456
_cell.length_c   204.543
_cell.angle_alpha   90.00
_cell.angle_beta   90.00
_cell.angle_gamma   90.00
#
_symmetry.space_group_name_H-M   'C 2 2 21'
#
loop_
_entity.id
_entity.type
_entity.pdbx_description
1 polymer 'LARGE FRAGMENT OF TAQ DNA POLYMERASE I'
2 polymer "PRIMER, 5'-D(*GP*CP*CP*AP*CP*GP*GP*CP*GP*CP*BMNP)-3'"
3 polymer "TEMPLATE, 5'-D(*TP*TP*CP* LHOP*GP*CP*GP*CP*CP*GP*TP*GP*GP*CP)-3'"
4 non-polymer 'SULFATE ION'
5 non-polymer GLYCEROL
6 non-polymer 'MAGNESIUM ION'
7 water water
#
loop_
_entity_poly.entity_id
_entity_poly.type
_entity_poly.pdbx_seq_one_letter_code
_entity_poly.pdbx_strand_id
1 'polypeptide(L)'
;ALEEAPWPPPEGAFVGFVLSRKEPMWADLLALAAARGGRVHRAPEPYKALRDLKEARGLLAKDLSVLALREGLGLPPGDD
PMLLAYLLDPSNTTPEGVARRYGGEWTEEAGERAALSERLFANLWGRLEGEERLLWLYREVERPLSAVLAHMEATGVRLD
VAYLRALSLEVAEEIARLEAEVFRLAGHPFNLNSRDQLERVLFDELGLPAIGKTEKTGKRSTSAAVLEALREAHPIVEKI
LQYRELTKLKSTYIDPLPDLIHPRTGRLHTRFNQTATATGRLSSSDPNLQNIPVRTPLGQRIRRAFIAEEGWLLVALDYS
QIELRVLAHLSGDENLIRVFQEGRDIHTETASWMFGVPREAVDPLMRRAAKTINFGVLYGMSAHRLSQELAIPYEEAQAF
IERYFQSFPKVRAWIEKTLEEGRRRGYVETLFGRRRYVPDLEARVKSVREAAERMAFNMPVQGTAADLMKLAMVKLFPRL
EEMGARMLLQVHDELVLEAPKERAEAVARLAKEVMEGVYPLAVPLEVEVGIGEDWLSAKE
;
A
2 'polydeoxyribonucleotide' (DG)(DC)(DC)(DA)(DC)(DG)(DG)(DC)(DG)(DC)(BMN) B
3 'polydeoxyribonucleotide' (DT)(DT)(DC)(LHO)(DG)(DC)(DG)(DC)(DC)(DG)(DT)(DG)(DG)(DC) C
#
# COMPACT_ATOMS: atom_id res chain seq x y z
N ALA A 1 -23.39 -37.78 2.41
CA ALA A 1 -23.16 -37.57 0.98
C ALA A 1 -23.13 -36.08 0.62
N LEU A 2 -22.78 -35.77 -0.63
CA LEU A 2 -22.86 -34.40 -1.13
C LEU A 2 -24.32 -34.00 -1.28
N GLU A 3 -24.79 -33.20 -0.32
CA GLU A 3 -26.17 -32.76 -0.28
C GLU A 3 -26.36 -31.55 -1.19
N GLU A 4 -27.38 -31.65 -2.06
CA GLU A 4 -27.78 -30.55 -2.90
C GLU A 4 -29.24 -30.22 -2.65
N ALA A 5 -29.57 -28.92 -2.68
CA ALA A 5 -30.94 -28.46 -2.56
C ALA A 5 -31.15 -27.30 -3.53
N PRO A 6 -32.41 -27.04 -3.92
CA PRO A 6 -32.58 -25.97 -4.91
C PRO A 6 -32.26 -24.58 -4.39
N TRP A 7 -31.93 -23.69 -5.32
CA TRP A 7 -31.83 -22.28 -5.02
C TRP A 7 -33.24 -21.82 -4.66
N PRO A 8 -33.40 -20.88 -3.71
CA PRO A 8 -32.44 -20.12 -2.91
C PRO A 8 -31.98 -20.85 -1.64
N PRO A 9 -30.87 -20.41 -1.07
CA PRO A 9 -30.34 -21.03 0.15
C PRO A 9 -30.91 -20.42 1.43
N PRO A 10 -30.79 -21.13 2.56
CA PRO A 10 -31.24 -20.55 3.82
C PRO A 10 -30.38 -19.35 4.24
N GLU A 11 -30.89 -18.56 5.16
CA GLU A 11 -30.13 -17.40 5.64
C GLU A 11 -28.83 -17.86 6.29
N GLY A 12 -27.77 -17.07 6.15
CA GLY A 12 -26.51 -17.36 6.80
C GLY A 12 -25.61 -18.28 6.02
N ALA A 13 -26.07 -18.74 4.87
CA ALA A 13 -25.26 -19.59 3.99
C ALA A 13 -23.99 -18.89 3.54
N PHE A 14 -22.93 -19.68 3.35
CA PHE A 14 -21.71 -19.15 2.72
C PHE A 14 -21.85 -19.22 1.21
N VAL A 15 -21.35 -18.19 0.53
CA VAL A 15 -21.42 -18.09 -0.92
C VAL A 15 -20.10 -18.55 -1.56
N GLY A 16 -20.23 -19.08 -2.77
CA GLY A 16 -19.11 -19.34 -3.64
C GLY A 16 -19.45 -18.79 -5.02
N PHE A 17 -18.45 -18.31 -5.74
CA PHE A 17 -18.74 -17.68 -7.02
C PHE A 17 -17.51 -17.77 -7.92
N VAL A 18 -17.76 -17.76 -9.22
CA VAL A 18 -16.70 -17.82 -10.22
C VAL A 18 -16.84 -16.64 -11.19
N LEU A 19 -15.75 -15.89 -11.31
CA LEU A 19 -15.69 -14.73 -12.22
C LEU A 19 -14.99 -15.08 -13.52
N SER A 20 -15.34 -14.38 -14.60
CA SER A 20 -14.65 -14.56 -15.88
C SER A 20 -13.21 -14.06 -15.85
N ARG A 21 -12.90 -13.15 -14.90
CA ARG A 21 -11.56 -12.59 -14.71
C ARG A 21 -11.45 -12.05 -13.30
N LYS A 22 -10.24 -11.78 -12.84
CA LYS A 22 -10.03 -11.54 -11.41
C LYS A 22 -10.61 -10.23 -10.92
N GLU A 23 -10.76 -9.24 -11.82
CA GLU A 23 -11.22 -7.91 -11.43
C GLU A 23 -12.75 -7.85 -11.44
N PRO A 24 -13.38 -7.82 -10.24
CA PRO A 24 -14.85 -7.88 -10.23
C PRO A 24 -15.56 -6.77 -11.02
N MET A 25 -15.05 -5.54 -11.06
CA MET A 25 -15.75 -4.54 -11.88
C MET A 25 -15.77 -4.90 -13.36
N TRP A 26 -14.84 -5.74 -13.80
CA TRP A 26 -14.69 -6.04 -15.21
C TRP A 26 -15.17 -7.44 -15.58
N ALA A 27 -15.57 -8.20 -14.59
CA ALA A 27 -15.87 -9.61 -14.79
C ALA A 27 -17.32 -9.90 -15.03
N ASP A 28 -17.56 -10.99 -15.76
CA ASP A 28 -18.87 -11.62 -15.79
CA ASP A 28 -18.86 -11.66 -15.83
C ASP A 28 -18.98 -12.62 -14.63
N LEU A 29 -20.12 -12.61 -13.97
CA LEU A 29 -20.42 -13.59 -12.92
C LEU A 29 -20.91 -14.90 -13.58
N LEU A 30 -20.01 -15.88 -13.67
CA LEU A 30 -20.25 -17.12 -14.42
C LEU A 30 -21.08 -18.12 -13.65
N ALA A 31 -20.89 -18.13 -12.33
CA ALA A 31 -21.53 -19.12 -11.49
C ALA A 31 -21.61 -18.61 -10.06
N LEU A 32 -22.69 -19.01 -9.38
CA LEU A 32 -22.96 -18.58 -8.03
C LEU A 32 -23.59 -19.75 -7.29
N ALA A 33 -23.11 -20.02 -6.07
CA ALA A 33 -23.66 -21.09 -5.28
C ALA A 33 -23.54 -20.72 -3.81
N ALA A 34 -24.26 -21.43 -2.97
CA ALA A 34 -24.17 -21.19 -1.55
C ALA A 34 -24.21 -22.54 -0.82
N ALA A 35 -23.66 -22.54 0.39
CA ALA A 35 -23.56 -23.77 1.18
C ALA A 35 -23.89 -23.49 2.64
N ARG A 36 -24.69 -24.37 3.23
CA ARG A 36 -24.93 -24.32 4.67
C ARG A 36 -25.07 -25.76 5.17
N GLY A 37 -24.33 -26.09 6.22
CA GLY A 37 -24.39 -27.44 6.77
C GLY A 37 -23.80 -28.42 5.78
N GLY A 38 -22.87 -27.93 4.95
CA GLY A 38 -22.39 -28.73 3.83
C GLY A 38 -23.36 -28.96 2.68
N ARG A 39 -24.57 -28.42 2.76
CA ARG A 39 -25.57 -28.64 1.71
C ARG A 39 -25.44 -27.51 0.68
N VAL A 40 -25.29 -27.86 -0.60
CA VAL A 40 -24.96 -26.88 -1.64
C VAL A 40 -26.17 -26.53 -2.51
N HIS A 41 -26.36 -25.23 -2.72
CA HIS A 41 -27.42 -24.73 -3.55
C HIS A 41 -26.80 -24.01 -4.73
N ARG A 42 -27.12 -24.45 -5.94
CA ARG A 42 -26.51 -23.82 -7.12
C ARG A 42 -27.53 -22.98 -7.85
N ALA A 43 -27.17 -21.73 -8.13
CA ALA A 43 -28.06 -20.76 -8.74
C ALA A 43 -28.23 -21.06 -10.22
N PRO A 44 -29.48 -21.30 -10.69
CA PRO A 44 -29.65 -21.45 -12.15
C PRO A 44 -29.12 -20.26 -12.97
N GLU A 45 -29.53 -19.03 -12.64
CA GLU A 45 -29.00 -17.84 -13.33
C GLU A 45 -28.38 -16.94 -12.28
N PRO A 46 -27.06 -16.80 -12.31
CA PRO A 46 -26.36 -16.15 -11.18
C PRO A 46 -26.70 -14.67 -10.92
N TYR A 47 -26.91 -13.85 -11.95
CA TYR A 47 -27.20 -12.43 -11.71
C TYR A 47 -28.52 -12.21 -10.98
N LYS A 48 -29.58 -12.92 -11.41
CA LYS A 48 -30.88 -12.84 -10.75
C LYS A 48 -30.80 -13.36 -9.31
N ALA A 49 -30.06 -14.46 -9.13
CA ALA A 49 -29.90 -15.09 -7.81
C ALA A 49 -29.18 -14.22 -6.77
N LEU A 50 -28.38 -13.25 -7.21
CA LEU A 50 -27.71 -12.34 -6.29
C LEU A 50 -28.72 -11.61 -5.42
N ARG A 51 -29.88 -11.31 -6.00
CA ARG A 51 -30.92 -10.52 -5.31
C ARG A 51 -31.40 -11.21 -4.06
N ASP A 52 -31.32 -12.52 -4.07
CA ASP A 52 -31.78 -13.35 -2.95
C ASP A 52 -30.90 -13.33 -1.71
N LEU A 53 -29.65 -12.91 -1.84
CA LEU A 53 -28.71 -12.91 -0.72
C LEU A 53 -28.75 -11.60 0.03
N LYS A 54 -28.68 -11.68 1.36
CA LYS A 54 -28.72 -10.48 2.21
C LYS A 54 -27.31 -9.97 2.51
N GLU A 55 -26.33 -10.82 2.25
CA GLU A 55 -24.95 -10.59 2.64
C GLU A 55 -24.10 -11.49 1.76
N ALA A 56 -22.89 -11.04 1.48
CA ALA A 56 -21.86 -11.84 0.83
C ALA A 56 -20.94 -12.40 1.91
N ARG A 57 -21.02 -13.69 2.16
CA ARG A 57 -20.30 -14.30 3.28
C ARG A 57 -19.54 -15.50 2.75
N GLY A 58 -18.22 -15.48 2.84
CA GLY A 58 -17.38 -16.48 2.21
C GLY A 58 -16.04 -15.95 1.73
N LEU A 59 -15.27 -16.83 1.10
CA LEU A 59 -14.00 -16.44 0.51
C LEU A 59 -14.20 -15.32 -0.51
N LEU A 60 -13.39 -14.27 -0.38
CA LEU A 60 -13.38 -13.13 -1.34
C LEU A 60 -14.74 -12.42 -1.37
N ALA A 61 -15.37 -12.32 -0.20
CA ALA A 61 -16.70 -11.72 -0.09
C ALA A 61 -16.71 -10.30 -0.67
N LYS A 62 -15.68 -9.51 -0.33
CA LYS A 62 -15.60 -8.14 -0.85
C LYS A 62 -15.67 -8.16 -2.37
N ASP A 63 -15.04 -9.11 -3.04
CA ASP A 63 -15.05 -9.06 -4.50
C ASP A 63 -16.45 -9.29 -5.08
N LEU A 64 -17.20 -10.23 -4.52
CA LEU A 64 -18.57 -10.42 -4.96
C LEU A 64 -19.41 -9.18 -4.65
N SER A 65 -19.16 -8.55 -3.50
CA SER A 65 -19.88 -7.33 -3.12
CA SER A 65 -19.89 -7.34 -3.13
C SER A 65 -19.65 -6.21 -4.12
N VAL A 66 -18.42 -6.09 -4.61
CA VAL A 66 -18.09 -5.09 -5.62
C VAL A 66 -18.90 -5.32 -6.88
N LEU A 67 -18.94 -6.58 -7.35
CA LEU A 67 -19.72 -6.90 -8.54
C LEU A 67 -21.22 -6.67 -8.30
N ALA A 68 -21.72 -6.99 -7.12
CA ALA A 68 -23.14 -6.71 -6.85
C ALA A 68 -23.40 -5.20 -6.86
N LEU A 69 -22.50 -4.41 -6.27
CA LEU A 69 -22.66 -2.95 -6.33
C LEU A 69 -22.75 -2.45 -7.77
N ARG A 70 -21.90 -2.98 -8.64
CA ARG A 70 -21.90 -2.58 -10.05
C ARG A 70 -23.28 -2.78 -10.66
N GLU A 71 -23.94 -3.85 -10.18
CA GLU A 71 -25.24 -4.29 -10.69
C GLU A 71 -26.42 -3.62 -9.98
N GLY A 72 -26.13 -2.69 -9.08
CA GLY A 72 -27.16 -1.92 -8.42
C GLY A 72 -27.77 -2.66 -7.25
N LEU A 73 -27.05 -3.65 -6.75
CA LEU A 73 -27.42 -4.39 -5.54
C LEU A 73 -26.55 -3.99 -4.36
N GLY A 74 -27.12 -4.03 -3.16
CA GLY A 74 -26.37 -3.76 -1.94
C GLY A 74 -26.15 -5.06 -1.20
N LEU A 75 -25.09 -5.76 -1.56
CA LEU A 75 -24.74 -7.02 -0.93
C LEU A 75 -23.48 -6.84 -0.06
N PRO A 76 -23.66 -6.40 1.18
CA PRO A 76 -22.44 -6.10 1.96
C PRO A 76 -21.66 -7.35 2.33
N PRO A 77 -20.33 -7.29 2.27
CA PRO A 77 -19.52 -8.44 2.64
C PRO A 77 -19.53 -8.65 4.16
N GLY A 78 -19.61 -9.91 4.59
CA GLY A 78 -19.57 -10.25 5.99
C GLY A 78 -18.36 -11.13 6.27
N ASP A 79 -18.58 -12.23 6.99
CA ASP A 79 -17.50 -13.16 7.30
C ASP A 79 -16.78 -13.65 6.05
N ASP A 80 -15.46 -13.75 6.15
CA ASP A 80 -14.61 -14.18 5.04
C ASP A 80 -13.43 -14.85 5.67
N PRO A 81 -13.24 -16.16 5.42
CA PRO A 81 -12.13 -16.84 6.09
C PRO A 81 -10.76 -16.30 5.67
N MET A 82 -10.66 -15.63 4.52
CA MET A 82 -9.41 -14.99 4.11
C MET A 82 -8.93 -14.01 5.20
N LEU A 83 -9.87 -13.28 5.77
CA LEU A 83 -9.56 -12.28 6.79
C LEU A 83 -9.08 -12.97 8.06
N LEU A 84 -9.70 -14.10 8.45
CA LEU A 84 -9.21 -14.84 9.60
C LEU A 84 -7.81 -15.36 9.35
N ALA A 85 -7.59 -15.88 8.15
CA ALA A 85 -6.32 -16.50 7.81
C ALA A 85 -5.21 -15.44 7.86
N TYR A 86 -5.54 -14.27 7.36
CA TYR A 86 -4.58 -13.17 7.30
C TYR A 86 -4.19 -12.69 8.70
N LEU A 87 -5.15 -12.66 9.61
CA LEU A 87 -4.88 -12.35 11.00
C LEU A 87 -4.02 -13.41 11.67
N LEU A 88 -4.29 -14.70 11.42
CA LEU A 88 -3.47 -15.78 11.94
C LEU A 88 -2.01 -15.70 11.47
N ASP A 89 -1.79 -15.27 10.22
CA ASP A 89 -0.46 -15.17 9.64
C ASP A 89 -0.58 -14.40 8.35
N PRO A 90 -0.04 -13.16 8.27
CA PRO A 90 -0.23 -12.33 7.08
C PRO A 90 0.48 -12.86 5.84
N SER A 91 1.23 -13.94 5.97
CA SER A 91 1.73 -14.63 4.79
C SER A 91 0.56 -15.39 4.09
N ASN A 92 -0.59 -15.46 4.75
CA ASN A 92 -1.82 -16.02 4.16
C ASN A 92 -2.54 -14.97 3.31
N THR A 93 -2.33 -14.98 1.99
CA THR A 93 -2.80 -13.89 1.11
C THR A 93 -3.78 -14.32 0.02
N THR A 94 -3.84 -15.62 -0.29
CA THR A 94 -4.70 -16.13 -1.37
C THR A 94 -5.55 -17.33 -0.91
N PRO A 95 -6.72 -17.50 -1.53
CA PRO A 95 -7.55 -18.67 -1.19
C PRO A 95 -6.83 -20.00 -1.44
N GLU A 96 -6.10 -20.05 -2.54
CA GLU A 96 -5.33 -21.23 -2.93
CA GLU A 96 -5.41 -21.27 -2.89
C GLU A 96 -4.36 -21.64 -1.82
N GLY A 97 -3.57 -20.67 -1.37
CA GLY A 97 -2.61 -20.93 -0.31
C GLY A 97 -3.25 -21.26 1.02
N VAL A 98 -4.34 -20.57 1.34
CA VAL A 98 -5.07 -20.86 2.57
C VAL A 98 -5.64 -22.28 2.55
N ALA A 99 -6.24 -22.69 1.43
CA ALA A 99 -6.76 -24.05 1.32
C ALA A 99 -5.64 -25.06 1.51
N ARG A 100 -4.54 -24.85 0.81
CA ARG A 100 -3.41 -25.77 0.85
C ARG A 100 -2.91 -25.92 2.28
N ARG A 101 -2.78 -24.79 2.98
CA ARG A 101 -2.26 -24.82 4.35
C ARG A 101 -3.21 -25.44 5.36
N TYR A 102 -4.49 -25.06 5.36
CA TYR A 102 -5.40 -25.44 6.45
C TYR A 102 -6.40 -26.54 6.10
N GLY A 103 -6.56 -26.84 4.82
CA GLY A 103 -7.41 -27.96 4.41
C GLY A 103 -8.35 -27.66 3.26
N GLY A 104 -8.58 -28.66 2.43
CA GLY A 104 -9.45 -28.53 1.29
C GLY A 104 -8.72 -28.06 0.07
N GLU A 105 -9.48 -27.75 -0.98
CA GLU A 105 -8.91 -27.33 -2.26
C GLU A 105 -9.74 -26.22 -2.88
N TRP A 106 -9.02 -25.20 -3.33
CA TRP A 106 -9.61 -24.08 -4.06
C TRP A 106 -9.74 -24.52 -5.52
N THR A 107 -10.97 -24.75 -5.94
CA THR A 107 -11.24 -25.21 -7.30
C THR A 107 -11.84 -24.09 -8.12
N GLU A 108 -12.35 -24.44 -9.32
CA GLU A 108 -12.95 -23.47 -10.19
C GLU A 108 -14.47 -23.65 -10.29
N GLU A 109 -15.05 -24.28 -9.27
CA GLU A 109 -16.49 -24.55 -9.27
C GLU A 109 -17.12 -23.84 -8.07
N ALA A 110 -18.20 -23.12 -8.32
CA ALA A 110 -18.78 -22.24 -7.32
C ALA A 110 -19.27 -23.02 -6.10
N GLY A 111 -19.93 -24.15 -6.34
CA GLY A 111 -20.47 -24.93 -5.25
C GLY A 111 -19.40 -25.43 -4.30
N GLU A 112 -18.29 -25.92 -4.87
CA GLU A 112 -17.13 -26.35 -4.08
C GLU A 112 -16.47 -25.20 -3.31
N ARG A 113 -16.39 -24.03 -3.96
CA ARG A 113 -15.89 -22.83 -3.29
C ARG A 113 -16.77 -22.42 -2.12
N ALA A 114 -18.08 -22.57 -2.27
CA ALA A 114 -19.04 -22.29 -1.20
C ALA A 114 -18.86 -23.25 0.00
N ALA A 115 -18.79 -24.55 -0.29
CA ALA A 115 -18.59 -25.53 0.77
C ALA A 115 -17.25 -25.34 1.50
N LEU A 116 -16.20 -25.08 0.71
CA LEU A 116 -14.87 -24.76 1.25
C LEU A 116 -14.90 -23.55 2.19
N SER A 117 -15.60 -22.50 1.76
CA SER A 117 -15.69 -21.27 2.53
C SER A 117 -16.25 -21.58 3.95
N GLU A 118 -17.32 -22.36 3.99
CA GLU A 118 -17.94 -22.73 5.26
C GLU A 118 -16.99 -23.55 6.13
N ARG A 119 -16.32 -24.56 5.56
CA ARG A 119 -15.39 -25.39 6.34
C ARG A 119 -14.21 -24.61 6.86
N LEU A 120 -13.57 -23.84 5.99
CA LEU A 120 -12.45 -23.01 6.42
C LEU A 120 -12.84 -22.01 7.50
N PHE A 121 -14.01 -21.40 7.36
CA PHE A 121 -14.39 -20.44 8.40
C PHE A 121 -14.42 -21.09 9.78
N ALA A 122 -15.06 -22.26 9.89
CA ALA A 122 -15.14 -22.91 11.16
C ALA A 122 -13.74 -23.31 11.68
N ASN A 123 -12.90 -23.78 10.77
CA ASN A 123 -11.55 -24.24 11.07
C ASN A 123 -10.74 -23.07 11.66
N LEU A 124 -10.70 -21.98 10.90
CA LEU A 124 -9.86 -20.84 11.29
C LEU A 124 -10.41 -20.12 12.51
N TRP A 125 -11.73 -20.04 12.62
CA TRP A 125 -12.34 -19.51 13.82
C TRP A 125 -11.86 -20.29 15.04
N GLY A 126 -11.81 -21.63 14.96
CA GLY A 126 -11.34 -22.45 16.06
C GLY A 126 -9.87 -22.15 16.39
N ARG A 127 -9.07 -21.95 15.34
CA ARG A 127 -7.64 -21.69 15.53
C ARG A 127 -7.38 -20.34 16.19
N LEU A 128 -8.32 -19.42 16.08
CA LEU A 128 -8.20 -18.13 16.75
C LEU A 128 -8.71 -18.08 18.21
N GLU A 129 -9.26 -19.18 18.74
CA GLU A 129 -9.85 -19.11 20.07
C GLU A 129 -8.78 -18.68 21.06
N GLY A 130 -9.12 -17.74 21.94
CA GLY A 130 -8.18 -17.24 22.94
C GLY A 130 -7.35 -16.07 22.44
N GLU A 131 -7.30 -15.83 21.13
CA GLU A 131 -6.47 -14.75 20.55
C GLU A 131 -7.27 -13.44 20.53
N GLU A 132 -7.52 -12.87 21.70
CA GLU A 132 -8.52 -11.79 21.83
C GLU A 132 -8.18 -10.54 21.04
N ARG A 133 -6.90 -10.22 20.93
CA ARG A 133 -6.52 -9.05 20.14
C ARG A 133 -6.77 -9.26 18.65
N LEU A 134 -6.41 -10.43 18.11
CA LEU A 134 -6.69 -10.72 16.70
C LEU A 134 -8.19 -10.72 16.45
N LEU A 135 -8.96 -11.25 17.40
CA LEU A 135 -10.42 -11.30 17.24
C LEU A 135 -11.04 -9.91 17.29
N TRP A 136 -10.44 -9.02 18.10
CA TRP A 136 -10.86 -7.64 18.10
C TRP A 136 -10.60 -6.95 16.74
N LEU A 137 -9.45 -7.24 16.12
CA LEU A 137 -9.10 -6.69 14.81
C LEU A 137 -10.10 -7.20 13.77
N TYR A 138 -10.50 -8.46 13.91
CA TYR A 138 -11.45 -9.02 12.95
C TYR A 138 -12.77 -8.27 13.01
N ARG A 139 -13.30 -8.08 14.21
CA ARG A 139 -14.63 -7.51 14.40
C ARG A 139 -14.67 -5.98 14.24
N GLU A 140 -13.62 -5.29 14.67
CA GLU A 140 -13.62 -3.82 14.67
C GLU A 140 -12.90 -3.22 13.46
N VAL A 141 -12.03 -3.98 12.81
CA VAL A 141 -11.29 -3.47 11.67
C VAL A 141 -11.60 -4.25 10.39
N GLU A 142 -11.20 -5.52 10.32
CA GLU A 142 -11.18 -6.26 9.06
C GLU A 142 -12.58 -6.44 8.44
N ARG A 143 -13.55 -6.92 9.21
CA ARG A 143 -14.85 -7.15 8.66
C ARG A 143 -15.54 -5.86 8.21
N PRO A 144 -15.63 -4.85 9.09
CA PRO A 144 -16.22 -3.60 8.62
C PRO A 144 -15.39 -2.90 7.53
N LEU A 145 -14.07 -3.05 7.51
CA LEU A 145 -13.26 -2.38 6.47
C LEU A 145 -13.57 -3.00 5.12
N SER A 146 -13.84 -4.30 5.09
CA SER A 146 -14.14 -4.97 3.81
C SER A 146 -15.30 -4.29 3.08
N ALA A 147 -16.30 -3.81 3.82
CA ALA A 147 -17.45 -3.15 3.22
C ALA A 147 -17.08 -1.78 2.68
N VAL A 148 -16.19 -1.08 3.39
CA VAL A 148 -15.68 0.20 2.93
C VAL A 148 -14.92 0.03 1.64
N LEU A 149 -14.03 -0.95 1.59
CA LEU A 149 -13.25 -1.19 0.40
C LEU A 149 -14.10 -1.61 -0.80
N ALA A 150 -15.15 -2.39 -0.56
CA ALA A 150 -16.08 -2.67 -1.66
C ALA A 150 -16.68 -1.41 -2.28
N HIS A 151 -17.11 -0.48 -1.42
CA HIS A 151 -17.66 0.76 -1.91
C HIS A 151 -16.61 1.61 -2.63
N MET A 152 -15.39 1.67 -2.10
CA MET A 152 -14.34 2.43 -2.80
C MET A 152 -14.06 1.88 -4.22
N GLU A 153 -13.86 0.57 -4.32
CA GLU A 153 -13.58 -0.10 -5.60
C GLU A 153 -14.73 0.07 -6.57
N ALA A 154 -15.96 -0.04 -6.09
CA ALA A 154 -17.13 0.03 -6.96
C ALA A 154 -17.45 1.45 -7.42
N THR A 155 -17.10 2.43 -6.59
CA THR A 155 -17.41 3.81 -6.92
C THR A 155 -16.41 4.32 -7.94
N GLY A 156 -15.13 4.06 -7.69
CA GLY A 156 -14.07 4.48 -8.60
C GLY A 156 -13.81 5.98 -8.60
N VAL A 157 -12.92 6.43 -9.47
CA VAL A 157 -12.54 7.85 -9.55
C VAL A 157 -12.49 8.31 -11.00
N ARG A 158 -12.94 9.54 -11.25
CA ARG A 158 -12.86 10.17 -12.56
C ARG A 158 -11.43 10.54 -12.91
N LEU A 159 -11.06 10.32 -14.18
CA LEU A 159 -9.79 10.77 -14.72
C LEU A 159 -9.97 11.91 -15.70
N ASP A 160 -8.92 12.72 -15.77
CA ASP A 160 -8.89 13.85 -16.70
C ASP A 160 -8.24 13.38 -17.99
N VAL A 161 -9.06 12.95 -18.94
CA VAL A 161 -8.48 12.25 -20.08
C VAL A 161 -7.78 13.23 -21.02
N ALA A 162 -8.26 14.46 -21.11
CA ALA A 162 -7.55 15.50 -21.91
C ALA A 162 -6.15 15.79 -21.32
N TYR A 163 -6.09 15.95 -20.01
CA TYR A 163 -4.83 16.16 -19.33
C TYR A 163 -3.86 14.99 -19.54
N LEU A 164 -4.35 13.76 -19.39
CA LEU A 164 -3.47 12.59 -19.59
C LEU A 164 -2.92 12.54 -21.03
N ARG A 165 -3.72 12.92 -22.01
CA ARG A 165 -3.24 12.99 -23.40
C ARG A 165 -2.14 14.03 -23.55
N ALA A 166 -2.31 15.17 -22.90
CA ALA A 166 -1.31 16.25 -22.94
C ALA A 166 -0.03 15.80 -22.25
N LEU A 167 -0.16 15.15 -21.09
CA LEU A 167 1.00 14.66 -20.35
C LEU A 167 1.71 13.56 -21.15
N SER A 168 0.93 12.66 -21.75
CA SER A 168 1.52 11.59 -22.57
C SER A 168 2.40 12.13 -23.71
N LEU A 169 1.88 13.14 -24.39
CA LEU A 169 2.59 13.78 -25.51
C LEU A 169 3.90 14.46 -25.03
N GLU A 170 3.83 15.11 -23.88
CA GLU A 170 4.99 15.80 -23.33
C GLU A 170 6.09 14.80 -22.97
N VAL A 171 5.71 13.72 -22.30
CA VAL A 171 6.66 12.69 -21.91
C VAL A 171 7.22 11.97 -23.13
N ALA A 172 6.37 11.70 -24.11
CA ALA A 172 6.79 11.02 -25.34
C ALA A 172 7.86 11.84 -26.07
N GLU A 173 7.60 13.13 -26.17
CA GLU A 173 8.53 14.07 -26.78
C GLU A 173 9.89 14.07 -26.03
N GLU A 174 9.88 14.02 -24.70
CA GLU A 174 11.16 13.96 -23.94
C GLU A 174 11.88 12.63 -24.15
N ILE A 175 11.14 11.54 -24.13
CA ILE A 175 11.71 10.23 -24.40
C ILE A 175 12.39 10.18 -25.79
N ALA A 176 11.73 10.75 -26.79
CA ALA A 176 12.26 10.74 -28.15
C ALA A 176 13.57 11.52 -28.24
N ARG A 177 13.63 12.60 -27.48
CA ARG A 177 14.83 13.44 -27.40
C ARG A 177 15.99 12.63 -26.84
N LEU A 178 15.75 11.95 -25.72
CA LEU A 178 16.81 11.22 -25.04
C LEU A 178 17.32 10.02 -25.86
N GLU A 179 16.44 9.28 -26.54
CA GLU A 179 16.95 8.11 -27.26
C GLU A 179 17.80 8.56 -28.43
N ALA A 180 17.43 9.68 -29.08
CA ALA A 180 18.20 10.17 -30.21
C ALA A 180 19.60 10.57 -29.75
N GLU A 181 19.70 11.11 -28.54
CA GLU A 181 21.00 11.48 -28.01
C GLU A 181 21.81 10.22 -27.66
N VAL A 182 21.15 9.20 -27.10
CA VAL A 182 21.83 7.94 -26.80
C VAL A 182 22.32 7.29 -28.10
N PHE A 183 21.48 7.24 -29.12
CA PHE A 183 21.88 6.66 -30.42
C PHE A 183 23.00 7.46 -31.08
N ARG A 184 23.01 8.76 -30.84
CA ARG A 184 24.08 9.60 -31.35
C ARG A 184 25.40 9.17 -30.71
N LEU A 185 25.36 8.93 -29.41
CA LEU A 185 26.56 8.62 -28.63
C LEU A 185 27.02 7.19 -28.88
N ALA A 186 26.08 6.29 -29.17
CA ALA A 186 26.41 4.89 -29.40
C ALA A 186 26.78 4.68 -30.87
N GLY A 187 26.34 5.60 -31.73
CA GLY A 187 26.71 5.60 -33.14
C GLY A 187 25.76 4.78 -34.00
N HIS A 188 24.72 4.23 -33.37
CA HIS A 188 23.73 3.45 -34.09
C HIS A 188 22.52 3.27 -33.19
N PRO A 189 21.38 2.89 -33.77
CA PRO A 189 20.19 2.54 -32.97
C PRO A 189 20.22 1.13 -32.39
N PHE A 190 19.45 0.96 -31.34
CA PHE A 190 19.21 -0.33 -30.71
C PHE A 190 17.98 -0.18 -29.81
N ASN A 191 17.53 -1.29 -29.23
CA ASN A 191 16.39 -1.24 -28.32
C ASN A 191 16.87 -0.87 -26.95
N LEU A 192 16.61 0.37 -26.55
CA LEU A 192 17.09 0.90 -25.30
C LEU A 192 16.40 0.23 -24.13
N ASN A 193 15.23 -0.38 -24.38
CA ASN A 193 14.53 -1.15 -23.34
C ASN A 193 15.09 -2.55 -23.10
N SER A 194 15.99 -3.00 -23.98
CA SER A 194 16.64 -4.30 -23.83
C SER A 194 17.92 -4.18 -23.04
N ARG A 195 17.94 -4.76 -21.85
CA ARG A 195 19.16 -4.72 -21.05
C ARG A 195 20.27 -5.54 -21.72
N ASP A 196 19.91 -6.55 -22.51
CA ASP A 196 20.89 -7.33 -23.24
C ASP A 196 21.61 -6.49 -24.32
N GLN A 197 20.84 -5.68 -25.05
CA GLN A 197 21.43 -4.86 -26.10
C GLN A 197 22.22 -3.71 -25.48
N LEU A 198 21.70 -3.13 -24.40
CA LEU A 198 22.40 -2.06 -23.71
C LEU A 198 23.72 -2.57 -23.12
N GLU A 199 23.71 -3.76 -22.51
CA GLU A 199 24.96 -4.36 -22.01
C GLU A 199 26.06 -4.38 -23.08
N ARG A 200 25.73 -4.83 -24.28
CA ARG A 200 26.70 -4.87 -25.38
C ARG A 200 27.20 -3.47 -25.74
N VAL A 201 26.28 -2.51 -25.87
CA VAL A 201 26.65 -1.16 -26.22
C VAL A 201 27.58 -0.57 -25.17
N LEU A 202 27.23 -0.67 -23.90
CA LEU A 202 28.03 0.00 -22.86
C LEU A 202 29.41 -0.62 -22.66
N PHE A 203 29.47 -1.94 -22.57
CA PHE A 203 30.66 -2.63 -22.11
C PHE A 203 31.50 -3.20 -23.23
N ASP A 204 30.87 -3.65 -24.32
CA ASP A 204 31.64 -4.18 -25.43
C ASP A 204 32.01 -3.09 -26.45
N GLU A 205 31.01 -2.36 -26.94
CA GLU A 205 31.25 -1.34 -27.94
C GLU A 205 31.96 -0.11 -27.33
N LEU A 206 31.43 0.42 -26.24
CA LEU A 206 31.97 1.65 -25.67
C LEU A 206 33.11 1.39 -24.66
N GLY A 207 33.25 0.13 -24.25
CA GLY A 207 34.36 -0.31 -23.41
C GLY A 207 34.30 0.13 -21.95
N LEU A 208 33.11 0.44 -21.44
CA LEU A 208 32.98 0.99 -20.10
C LEU A 208 33.25 -0.08 -19.06
N PRO A 209 33.74 0.33 -17.86
CA PRO A 209 33.97 -0.70 -16.84
C PRO A 209 32.65 -1.32 -16.36
N ALA A 210 32.63 -2.65 -16.26
CA ALA A 210 31.46 -3.38 -15.80
C ALA A 210 31.67 -3.82 -14.36
N ILE A 211 31.02 -3.13 -13.43
CA ILE A 211 31.19 -3.40 -12.01
C ILE A 211 30.52 -4.71 -11.62
N GLY A 212 29.20 -4.65 -11.45
CA GLY A 212 28.46 -5.76 -10.89
C GLY A 212 27.89 -6.70 -11.95
N LYS A 213 27.35 -7.81 -11.47
CA LYS A 213 26.75 -8.79 -12.35
C LYS A 213 25.29 -8.97 -11.98
N THR A 214 24.54 -9.56 -12.89
CA THR A 214 23.13 -9.83 -12.66
C THR A 214 22.98 -10.95 -11.63
N GLU A 215 21.84 -10.98 -10.96
CA GLU A 215 21.62 -11.93 -9.88
C GLU A 215 21.61 -13.41 -10.33
N LYS A 216 20.96 -13.68 -11.46
CA LYS A 216 20.74 -15.05 -11.90
C LYS A 216 21.48 -15.43 -13.20
N THR A 217 21.35 -14.58 -14.21
CA THR A 217 21.88 -14.91 -15.53
C THR A 217 23.40 -14.82 -15.65
N GLY A 218 24.04 -14.15 -14.69
CA GLY A 218 25.49 -14.08 -14.65
C GLY A 218 26.12 -13.13 -15.66
N LYS A 219 25.35 -12.15 -16.11
CA LYS A 219 25.84 -11.16 -17.08
C LYS A 219 26.31 -9.88 -16.39
N ARG A 220 26.95 -9.02 -17.15
CA ARG A 220 27.32 -7.69 -16.66
C ARG A 220 26.05 -6.86 -16.46
N SER A 221 25.83 -6.38 -15.24
CA SER A 221 24.64 -5.59 -14.92
C SER A 221 24.66 -4.17 -15.51
N THR A 222 23.48 -3.72 -15.91
CA THR A 222 23.31 -2.33 -16.37
C THR A 222 22.41 -1.57 -15.40
N SER A 223 22.32 -2.07 -14.17
CA SER A 223 21.47 -1.47 -13.15
C SER A 223 21.97 -0.06 -12.74
N ALA A 224 21.07 0.72 -12.16
CA ALA A 224 21.38 2.08 -11.71
C ALA A 224 22.60 2.13 -10.80
N ALA A 225 22.71 1.18 -9.88
CA ALA A 225 23.80 1.17 -8.92
C ALA A 225 25.15 1.01 -9.63
N VAL A 226 25.15 0.16 -10.66
CA VAL A 226 26.35 -0.17 -11.41
C VAL A 226 26.73 0.97 -12.33
N LEU A 227 25.73 1.72 -12.77
CA LEU A 227 25.97 2.85 -13.65
C LEU A 227 26.27 4.13 -12.89
N GLU A 228 25.85 4.17 -11.62
CA GLU A 228 26.06 5.35 -10.78
C GLU A 228 27.50 5.80 -10.81
N ALA A 229 28.41 4.84 -10.65
CA ALA A 229 29.83 5.10 -10.69
C ALA A 229 30.24 5.76 -11.98
N LEU A 230 29.53 5.45 -13.07
CA LEU A 230 29.93 5.90 -14.39
C LEU A 230 29.24 7.22 -14.82
N ARG A 231 28.31 7.67 -14.00
CA ARG A 231 27.41 8.78 -14.34
C ARG A 231 28.14 10.07 -14.68
N GLU A 232 28.89 10.59 -13.70
CA GLU A 232 29.52 11.90 -13.82
C GLU A 232 30.52 11.91 -14.97
N ALA A 233 31.05 10.75 -15.30
CA ALA A 233 32.13 10.64 -16.27
C ALA A 233 31.64 10.38 -17.69
N HIS A 234 30.48 9.76 -17.83
CA HIS A 234 30.02 9.32 -19.16
C HIS A 234 28.60 9.79 -19.48
N PRO A 235 28.47 10.68 -20.49
CA PRO A 235 27.17 11.30 -20.81
C PRO A 235 26.10 10.29 -21.20
N ILE A 236 26.47 9.26 -21.93
CA ILE A 236 25.46 8.32 -22.41
C ILE A 236 24.77 7.66 -21.23
N VAL A 237 25.51 7.45 -20.13
CA VAL A 237 24.96 6.83 -18.93
C VAL A 237 23.84 7.68 -18.35
N GLU A 238 24.08 8.98 -18.21
CA GLU A 238 23.10 9.91 -17.66
C GLU A 238 21.81 9.89 -18.49
N LYS A 239 21.95 9.88 -19.80
CA LYS A 239 20.80 9.85 -20.71
C LYS A 239 19.94 8.57 -20.56
N ILE A 240 20.61 7.46 -20.32
CA ILE A 240 19.92 6.17 -20.15
C ILE A 240 19.10 6.16 -18.86
N LEU A 241 19.63 6.80 -17.82
CA LEU A 241 18.95 6.85 -16.54
C LEU A 241 17.69 7.71 -16.64
N GLN A 242 17.83 8.87 -17.27
CA GLN A 242 16.66 9.72 -17.53
C GLN A 242 15.63 8.99 -18.36
N TYR A 243 16.11 8.33 -19.42
CA TYR A 243 15.24 7.59 -20.31
C TYR A 243 14.45 6.50 -19.55
N ARG A 244 15.14 5.74 -18.71
CA ARG A 244 14.48 4.67 -17.96
C ARG A 244 13.39 5.17 -17.03
N GLU A 245 13.65 6.31 -16.40
CA GLU A 245 12.68 6.91 -15.49
C GLU A 245 11.41 7.31 -16.19
N LEU A 246 11.54 7.99 -17.31
CA LEU A 246 10.35 8.43 -18.03
C LEU A 246 9.58 7.26 -18.64
N THR A 247 10.29 6.27 -19.16
CA THR A 247 9.60 5.17 -19.81
C THR A 247 8.88 4.30 -18.76
N LYS A 248 9.46 4.21 -17.56
CA LYS A 248 8.80 3.49 -16.46
C LYS A 248 7.50 4.19 -16.08
N LEU A 249 7.58 5.50 -15.92
CA LEU A 249 6.41 6.30 -15.58
C LEU A 249 5.34 6.23 -16.67
N LYS A 250 5.76 6.42 -17.91
CA LYS A 250 4.82 6.35 -19.03
C LYS A 250 4.13 5.00 -19.13
N SER A 251 4.90 3.92 -19.06
CA SER A 251 4.36 2.60 -19.36
C SER A 251 3.54 2.05 -18.18
N THR A 252 3.78 2.60 -16.98
CA THR A 252 3.08 2.12 -15.76
C THR A 252 1.87 2.99 -15.34
N TYR A 253 2.03 4.31 -15.43
CA TYR A 253 1.04 5.26 -14.92
C TYR A 253 0.45 6.24 -15.90
N ILE A 254 0.88 6.22 -17.16
CA ILE A 254 0.23 7.06 -18.18
C ILE A 254 -0.47 6.18 -19.22
N ASP A 255 0.25 5.30 -19.89
CA ASP A 255 -0.34 4.46 -20.95
C ASP A 255 -1.50 3.61 -20.41
N PRO A 256 -1.34 3.00 -19.21
CA PRO A 256 -2.44 2.10 -18.82
C PRO A 256 -3.76 2.75 -18.42
N LEU A 257 -3.75 4.01 -17.99
CA LEU A 257 -4.90 4.53 -17.23
C LEU A 257 -6.16 4.72 -18.06
N PRO A 258 -6.07 5.25 -19.29
CA PRO A 258 -7.38 5.35 -19.92
C PRO A 258 -8.08 4.01 -20.23
N ASP A 259 -7.30 2.97 -20.51
CA ASP A 259 -7.86 1.68 -20.83
C ASP A 259 -8.56 1.08 -19.59
N LEU A 260 -8.25 1.64 -18.45
CA LEU A 260 -8.86 1.22 -17.18
C LEU A 260 -10.14 1.99 -16.85
N ILE A 261 -10.53 2.90 -17.73
CA ILE A 261 -11.77 3.65 -17.53
C ILE A 261 -12.88 2.74 -18.01
N HIS A 262 -13.75 2.38 -17.07
CA HIS A 262 -14.79 1.43 -17.37
C HIS A 262 -15.85 2.03 -18.29
N PRO A 263 -16.30 1.25 -19.30
CA PRO A 263 -17.26 1.79 -20.28
C PRO A 263 -18.62 2.16 -19.69
N ARG A 264 -18.96 1.52 -18.58
CA ARG A 264 -20.25 1.66 -17.92
C ARG A 264 -20.29 2.85 -16.96
N THR A 265 -19.23 3.00 -16.18
CA THR A 265 -19.20 3.98 -15.10
C THR A 265 -18.56 5.31 -15.55
N GLY A 266 -17.66 5.23 -16.52
CA GLY A 266 -16.85 6.37 -16.91
C GLY A 266 -15.80 6.70 -15.85
N ARG A 267 -15.49 5.73 -14.99
CA ARG A 267 -14.47 5.87 -13.92
C ARG A 267 -13.43 4.75 -13.91
N LEU A 268 -12.32 5.05 -13.25
CA LEU A 268 -11.25 4.11 -12.97
C LEU A 268 -11.57 3.44 -11.63
N HIS A 269 -11.55 2.11 -11.59
CA HIS A 269 -11.86 1.34 -10.40
C HIS A 269 -10.61 0.66 -9.86
N THR A 270 -9.82 1.43 -9.12
CA THR A 270 -8.65 0.90 -8.42
C THR A 270 -9.08 -0.24 -7.51
N ARG A 271 -8.32 -1.32 -7.50
CA ARG A 271 -8.64 -2.44 -6.65
C ARG A 271 -7.87 -2.39 -5.34
N PHE A 272 -8.59 -2.63 -4.24
CA PHE A 272 -8.01 -2.49 -2.91
C PHE A 272 -8.02 -3.84 -2.27
N ASN A 273 -6.87 -4.26 -1.76
CA ASN A 273 -6.75 -5.58 -1.13
C ASN A 273 -6.32 -5.46 0.34
N GLN A 274 -7.02 -6.08 1.29
CA GLN A 274 -6.63 -5.96 2.68
C GLN A 274 -5.93 -7.20 3.21
N THR A 275 -5.64 -8.19 2.36
CA THR A 275 -4.86 -9.34 2.83
C THR A 275 -3.67 -9.60 1.91
N ALA A 276 -2.88 -8.55 1.61
CA ALA A 276 -1.82 -8.70 0.61
C ALA A 276 -0.41 -8.41 1.17
N THR A 277 -0.32 -7.64 2.24
CA THR A 277 1.01 -7.20 2.72
C THR A 277 1.43 -7.83 4.06
N ALA A 278 2.74 -7.92 4.31
CA ALA A 278 3.24 -8.52 5.55
C ALA A 278 3.02 -7.64 6.80
N THR A 279 2.68 -6.36 6.57
CA THR A 279 2.60 -5.39 7.69
C THR A 279 1.19 -5.07 8.11
N GLY A 280 0.24 -5.35 7.24
CA GLY A 280 -1.14 -4.94 7.41
C GLY A 280 -1.54 -3.68 6.67
N ARG A 281 -0.61 -3.06 5.95
CA ARG A 281 -1.02 -1.98 5.05
C ARG A 281 -1.96 -2.50 3.95
N LEU A 282 -2.91 -1.68 3.53
CA LEU A 282 -3.70 -1.95 2.34
C LEU A 282 -2.80 -1.90 1.11
N SER A 283 -3.13 -2.69 0.10
CA SER A 283 -2.49 -2.53 -1.19
C SER A 283 -3.51 -2.12 -2.23
N SER A 284 -3.02 -1.54 -3.32
CA SER A 284 -3.85 -1.20 -4.43
C SER A 284 -3.23 -1.75 -5.71
N SER A 285 -4.09 -2.03 -6.67
CA SER A 285 -3.67 -2.46 -7.99
CA SER A 285 -3.72 -2.56 -7.98
C SER A 285 -4.52 -1.87 -9.10
N ASP A 286 -3.92 -1.76 -10.28
CA ASP A 286 -4.66 -1.31 -11.47
C ASP A 286 -5.22 0.11 -11.30
N PRO A 287 -4.36 1.07 -10.94
CA PRO A 287 -2.92 1.03 -10.67
C PRO A 287 -2.55 0.81 -9.23
N ASN A 288 -1.27 0.47 -9.04
CA ASN A 288 -0.67 0.44 -7.74
C ASN A 288 -0.30 1.87 -7.28
N LEU A 289 -1.16 2.49 -6.46
CA LEU A 289 -0.95 3.88 -6.05
C LEU A 289 0.31 4.06 -5.22
N GLN A 290 0.73 2.98 -4.55
CA GLN A 290 1.88 3.01 -3.63
C GLN A 290 3.21 3.26 -4.33
N ASN A 291 3.30 2.94 -5.62
CA ASN A 291 4.56 3.01 -6.36
C ASN A 291 4.58 4.24 -7.31
N ILE A 292 3.54 5.09 -7.31
CA ILE A 292 3.65 6.39 -8.00
C ILE A 292 4.78 7.20 -7.38
N PRO A 293 5.68 7.75 -8.21
CA PRO A 293 6.80 8.49 -7.62
C PRO A 293 6.34 9.57 -6.64
N VAL A 294 7.07 9.75 -5.55
CA VAL A 294 6.62 10.67 -4.51
C VAL A 294 7.42 11.96 -4.65
N ARG A 295 8.70 11.81 -4.99
CA ARG A 295 9.49 12.97 -5.40
C ARG A 295 9.19 13.22 -6.86
N THR A 296 9.97 14.11 -7.47
CA THR A 296 9.92 14.39 -8.90
C THR A 296 8.61 15.07 -9.34
N PRO A 297 8.72 16.07 -10.23
CA PRO A 297 7.50 16.71 -10.77
C PRO A 297 6.57 15.70 -11.45
N LEU A 298 7.13 14.56 -11.83
CA LEU A 298 6.39 13.56 -12.60
C LEU A 298 5.39 12.76 -11.75
N GLY A 299 5.79 12.37 -10.55
CA GLY A 299 4.85 11.74 -9.64
C GLY A 299 3.65 12.64 -9.45
N GLN A 300 3.93 13.93 -9.33
CA GLN A 300 2.89 14.88 -9.01
C GLN A 300 1.95 15.05 -10.20
N ARG A 301 2.50 14.94 -11.41
CA ARG A 301 1.66 15.17 -12.54
C ARG A 301 0.75 13.98 -12.80
N ILE A 302 1.13 12.80 -12.31
CA ILE A 302 0.21 11.68 -12.32
C ILE A 302 -1.01 11.99 -11.47
N ARG A 303 -0.82 12.60 -10.30
CA ARG A 303 -1.96 12.83 -9.40
C ARG A 303 -2.95 13.87 -9.95
N ARG A 304 -2.45 14.81 -10.74
N ARG A 304 -2.44 14.80 -10.75
CA ARG A 304 -3.31 15.78 -11.39
CA ARG A 304 -3.31 15.78 -11.42
C ARG A 304 -4.35 15.15 -12.35
C ARG A 304 -4.37 15.13 -12.31
N ALA A 305 -4.07 13.94 -12.80
CA ALA A 305 -5.00 13.23 -13.70
C ALA A 305 -6.25 12.76 -12.95
N PHE A 306 -6.15 12.68 -11.62
CA PHE A 306 -7.26 12.21 -10.79
C PHE A 306 -8.09 13.41 -10.39
N ILE A 307 -9.36 13.42 -10.82
CA ILE A 307 -10.19 14.59 -10.64
C ILE A 307 -11.55 14.26 -10.04
N ALA A 308 -12.17 15.29 -9.48
CA ALA A 308 -13.51 15.21 -8.96
C ALA A 308 -14.53 15.28 -10.10
N GLU A 309 -15.70 14.67 -9.87
CA GLU A 309 -16.85 14.89 -10.75
C GLU A 309 -17.21 16.38 -10.82
N GLU A 310 -17.75 16.83 -11.95
CA GLU A 310 -18.20 18.21 -12.07
CA GLU A 310 -18.19 18.22 -12.06
C GLU A 310 -19.17 18.52 -10.94
N GLY A 311 -19.00 19.68 -10.30
CA GLY A 311 -19.82 20.04 -9.15
C GLY A 311 -19.26 19.55 -7.82
N TRP A 312 -18.29 18.63 -7.88
CA TRP A 312 -17.67 18.06 -6.68
C TRP A 312 -16.23 18.51 -6.48
N LEU A 313 -15.65 18.17 -5.34
CA LEU A 313 -14.23 18.44 -5.06
C LEU A 313 -13.61 17.23 -4.36
N LEU A 314 -12.31 17.04 -4.56
CA LEU A 314 -11.56 16.05 -3.83
C LEU A 314 -11.05 16.64 -2.52
N VAL A 315 -11.11 15.84 -1.47
CA VAL A 315 -10.56 16.19 -0.16
C VAL A 315 -9.48 15.17 0.15
N ALA A 316 -8.25 15.65 0.34
CA ALA A 316 -7.09 14.80 0.58
C ALA A 316 -6.60 15.00 2.02
N LEU A 317 -6.53 13.91 2.78
CA LEU A 317 -6.11 13.94 4.20
C LEU A 317 -4.93 13.03 4.41
N ASP A 318 -3.89 13.54 5.05
CA ASP A 318 -2.66 12.80 5.23
C ASP A 318 -2.20 12.85 6.69
N TYR A 319 -1.93 11.70 7.30
CA TYR A 319 -1.37 11.64 8.64
C TYR A 319 0.11 12.02 8.65
N SER A 320 0.41 13.22 9.09
CA SER A 320 1.80 13.69 9.15
C SER A 320 2.69 12.90 10.11
N GLN A 321 3.81 12.41 9.59
CA GLN A 321 4.82 11.69 10.33
C GLN A 321 4.21 10.59 11.22
N ILE A 322 3.21 9.87 10.72
CA ILE A 322 2.54 8.94 11.61
C ILE A 322 3.44 7.81 12.06
N GLU A 323 4.35 7.31 11.22
CA GLU A 323 5.21 6.21 11.66
C GLU A 323 6.16 6.66 12.79
N LEU A 324 6.64 7.87 12.68
CA LEU A 324 7.51 8.40 13.72
C LEU A 324 6.73 8.66 15.03
N ARG A 325 5.49 9.13 14.91
CA ARG A 325 4.62 9.30 16.07
C ARG A 325 4.38 7.96 16.76
N VAL A 326 4.13 6.92 15.97
CA VAL A 326 3.96 5.58 16.49
C VAL A 326 5.23 5.10 17.17
N LEU A 327 6.39 5.37 16.56
CA LEU A 327 7.65 5.02 17.21
C LEU A 327 7.80 5.71 18.58
N ALA A 328 7.42 6.99 18.66
CA ALA A 328 7.50 7.71 19.94
C ALA A 328 6.58 7.01 20.98
N HIS A 329 5.40 6.62 20.53
CA HIS A 329 4.43 5.99 21.43
C HIS A 329 4.91 4.63 21.90
N LEU A 330 5.36 3.81 20.95
CA LEU A 330 5.76 2.45 21.28
C LEU A 330 7.03 2.43 22.12
N SER A 331 7.97 3.34 21.80
CA SER A 331 9.25 3.39 22.52
C SER A 331 9.17 4.10 23.86
N GLY A 332 8.20 4.98 24.02
CA GLY A 332 8.11 5.85 25.17
C GLY A 332 9.28 6.80 25.35
N ASP A 333 10.04 7.06 24.29
CA ASP A 333 11.21 7.93 24.40
C ASP A 333 10.77 9.36 24.76
N GLU A 334 11.20 9.86 25.92
CA GLU A 334 10.64 11.11 26.41
C GLU A 334 11.07 12.30 25.54
N ASN A 335 12.28 12.23 24.99
CA ASN A 335 12.75 13.35 24.16
C ASN A 335 12.06 13.38 22.80
N LEU A 336 11.81 12.22 22.20
CA LEU A 336 11.02 12.18 20.95
C LEU A 336 9.58 12.61 21.21
N ILE A 337 9.01 12.21 22.34
CA ILE A 337 7.69 12.69 22.67
C ILE A 337 7.73 14.23 22.81
N ARG A 338 8.79 14.78 23.41
CA ARG A 338 8.96 16.24 23.49
C ARG A 338 9.01 16.88 22.10
N VAL A 339 9.69 16.23 21.17
CA VAL A 339 9.78 16.75 19.82
C VAL A 339 8.35 17.00 19.27
N PHE A 340 7.45 16.04 19.50
CA PHE A 340 6.08 16.13 18.99
C PHE A 340 5.18 17.03 19.79
N GLN A 341 5.46 17.21 21.07
CA GLN A 341 4.58 18.03 21.89
C GLN A 341 4.90 19.50 21.74
N GLU A 342 6.16 19.84 21.50
CA GLU A 342 6.54 21.21 21.19
C GLU A 342 5.72 21.61 19.96
N GLY A 343 5.55 20.66 19.05
CA GLY A 343 4.61 20.81 17.96
C GLY A 343 4.96 21.90 16.96
N ARG A 344 6.24 22.15 16.73
CA ARG A 344 6.69 22.96 15.60
C ARG A 344 7.22 22.05 14.48
N ASP A 345 7.99 22.55 13.52
CA ASP A 345 8.45 21.67 12.44
C ASP A 345 9.22 20.50 13.05
N ILE A 346 8.74 19.29 12.80
CA ILE A 346 9.24 18.07 13.44
C ILE A 346 10.69 17.77 13.08
N HIS A 347 11.08 17.95 11.82
CA HIS A 347 12.44 17.62 11.42
C HIS A 347 13.44 18.66 11.91
N THR A 348 13.04 19.92 11.92
CA THR A 348 13.85 20.99 12.50
C THR A 348 14.05 20.70 13.99
N GLU A 349 12.96 20.31 14.63
CA GLU A 349 13.00 20.08 16.06
C GLU A 349 13.90 18.86 16.39
N THR A 350 13.80 17.81 15.57
CA THR A 350 14.64 16.61 15.71
C THR A 350 16.13 16.99 15.56
N ALA A 351 16.40 17.77 14.53
CA ALA A 351 17.76 18.28 14.32
C ALA A 351 18.31 19.09 15.52
N SER A 352 17.48 19.91 16.15
CA SER A 352 17.95 20.72 17.26
C SER A 352 18.41 19.79 18.39
N TRP A 353 17.68 18.70 18.62
CA TRP A 353 18.14 17.74 19.63
C TRP A 353 19.46 17.09 19.20
N MET A 354 19.47 16.50 17.99
CA MET A 354 20.63 15.78 17.48
C MET A 354 21.90 16.60 17.58
N PHE A 355 21.82 17.87 17.16
CA PHE A 355 23.01 18.68 17.03
C PHE A 355 23.28 19.57 18.26
N GLY A 356 22.33 19.54 19.20
CA GLY A 356 22.47 20.34 20.41
C GLY A 356 22.43 21.83 20.26
N VAL A 357 21.49 22.34 19.46
CA VAL A 357 21.41 23.77 19.14
C VAL A 357 19.96 24.24 19.26
N PRO A 358 19.76 25.55 19.37
CA PRO A 358 18.38 26.05 19.34
C PRO A 358 17.75 25.81 17.97
N ARG A 359 16.45 25.64 17.91
CA ARG A 359 15.79 25.38 16.63
C ARG A 359 16.11 26.45 15.55
N GLU A 360 16.23 27.71 15.94
CA GLU A 360 16.56 28.82 15.03
C GLU A 360 17.91 28.64 14.32
N ALA A 361 18.78 27.86 14.93
CA ALA A 361 20.15 27.68 14.47
C ALA A 361 20.28 26.43 13.60
N VAL A 362 19.19 25.69 13.45
CA VAL A 362 19.18 24.54 12.56
C VAL A 362 19.13 25.05 11.10
N ASP A 363 20.12 24.71 10.30
CA ASP A 363 20.08 25.10 8.88
C ASP A 363 19.46 23.98 8.02
N PRO A 364 19.14 24.31 6.76
CA PRO A 364 18.37 23.35 5.94
C PRO A 364 19.09 22.00 5.76
N LEU A 365 20.42 22.01 5.69
CA LEU A 365 21.13 20.75 5.55
C LEU A 365 21.09 19.90 6.85
N MET A 366 21.13 20.54 8.01
CA MET A 366 20.97 19.86 9.28
C MET A 366 19.58 19.27 9.37
N ARG A 367 18.59 20.07 8.99
CA ARG A 367 17.23 19.55 8.94
C ARG A 367 17.08 18.34 8.02
N ARG A 368 17.63 18.40 6.80
CA ARG A 368 17.60 17.27 5.89
C ARG A 368 18.22 16.01 6.50
N ALA A 369 19.29 16.20 7.28
CA ALA A 369 19.90 15.06 7.92
C ALA A 369 18.94 14.42 8.92
N ALA A 370 18.31 15.23 9.78
CA ALA A 370 17.31 14.73 10.72
C ALA A 370 16.11 14.06 10.02
N LYS A 371 15.60 14.71 9.00
CA LYS A 371 14.47 14.18 8.25
C LYS A 371 14.79 12.82 7.70
N THR A 372 15.99 12.67 7.16
CA THR A 372 16.40 11.44 6.50
C THR A 372 16.54 10.30 7.53
N ILE A 373 17.11 10.61 8.68
CA ILE A 373 17.20 9.61 9.76
C ILE A 373 15.83 9.34 10.37
N ASN A 374 14.95 10.34 10.44
CA ASN A 374 13.58 10.11 10.93
C ASN A 374 12.82 9.09 10.08
N PHE A 375 13.16 9.02 8.80
CA PHE A 375 12.62 8.00 7.88
C PHE A 375 13.43 6.68 8.04
N GLY A 376 14.75 6.78 8.06
CA GLY A 376 15.66 5.63 7.99
C GLY A 376 15.76 4.78 9.23
N VAL A 377 15.51 5.39 10.37
CA VAL A 377 15.66 4.70 11.63
C VAL A 377 14.62 3.61 11.73
N LEU A 378 13.52 3.85 11.03
CA LEU A 378 12.35 2.96 11.06
C LEU A 378 12.65 1.61 10.46
N TYR A 379 13.69 1.49 9.65
CA TYR A 379 14.08 0.19 9.11
C TYR A 379 15.55 -0.11 9.14
N GLY A 380 16.31 0.67 9.90
CA GLY A 380 17.71 0.35 10.02
C GLY A 380 18.56 0.74 8.82
N MET A 381 18.24 1.89 8.23
CA MET A 381 19.05 2.46 7.14
C MET A 381 20.48 2.43 7.55
N SER A 382 21.31 1.90 6.67
CA SER A 382 22.74 1.82 6.93
C SER A 382 23.41 3.19 6.87
N ALA A 383 24.55 3.29 7.54
CA ALA A 383 25.37 4.48 7.43
C ALA A 383 25.88 4.69 5.98
N HIS A 384 26.19 3.61 5.27
N HIS A 384 26.18 3.60 5.28
CA HIS A 384 26.56 3.72 3.86
CA HIS A 384 26.57 3.67 3.88
C HIS A 384 25.45 4.44 3.10
C HIS A 384 25.48 4.33 3.03
N ARG A 385 24.24 3.94 3.25
CA ARG A 385 23.07 4.51 2.56
C ARG A 385 22.85 5.97 2.97
N LEU A 386 22.97 6.28 4.27
CA LEU A 386 22.78 7.66 4.70
C LEU A 386 23.83 8.57 4.06
N SER A 387 25.05 8.06 3.93
CA SER A 387 26.14 8.85 3.35
C SER A 387 25.86 9.08 1.86
N GLN A 388 25.27 8.11 1.17
CA GLN A 388 24.88 8.33 -0.23
C GLN A 388 23.78 9.39 -0.30
N GLU A 389 22.71 9.17 0.46
CA GLU A 389 21.56 10.06 0.53
C GLU A 389 21.92 11.52 0.80
N LEU A 390 22.75 11.76 1.82
CA LEU A 390 23.16 13.14 2.17
C LEU A 390 24.37 13.68 1.46
N ALA A 391 25.09 12.81 0.75
CA ALA A 391 26.33 13.15 0.08
C ALA A 391 27.36 13.69 1.09
N ILE A 392 27.58 12.92 2.16
CA ILE A 392 28.57 13.25 3.18
C ILE A 392 29.42 11.99 3.38
N PRO A 393 30.54 12.12 4.08
CA PRO A 393 31.42 10.96 4.26
C PRO A 393 30.76 9.88 5.12
N TYR A 394 31.22 8.64 4.95
CA TYR A 394 30.69 7.50 5.69
C TYR A 394 30.81 7.76 7.19
N GLU A 395 31.98 8.24 7.62
CA GLU A 395 32.23 8.35 9.05
C GLU A 395 31.27 9.39 9.63
N GLU A 396 30.96 10.42 8.85
CA GLU A 396 30.04 11.45 9.32
C GLU A 396 28.63 10.95 9.40
N ALA A 397 28.24 10.14 8.42
CA ALA A 397 26.97 9.47 8.49
C ALA A 397 26.84 8.62 9.77
N GLN A 398 27.90 7.88 10.11
CA GLN A 398 27.87 7.05 11.30
C GLN A 398 27.61 7.90 12.53
N ALA A 399 28.29 9.04 12.57
CA ALA A 399 28.18 9.97 13.68
C ALA A 399 26.76 10.55 13.77
N PHE A 400 26.13 10.83 12.64
CA PHE A 400 24.78 11.38 12.69
C PHE A 400 23.81 10.37 13.30
N ILE A 401 24.01 9.09 12.95
CA ILE A 401 23.12 8.02 13.40
C ILE A 401 23.31 7.87 14.90
N GLU A 402 24.55 7.95 15.35
CA GLU A 402 24.82 7.82 16.78
C GLU A 402 24.27 9.07 17.52
N ARG A 403 24.41 10.27 16.95
CA ARG A 403 23.76 11.47 17.52
C ARG A 403 22.27 11.29 17.70
N TYR A 404 21.62 10.65 16.74
CA TYR A 404 20.20 10.44 16.84
C TYR A 404 19.86 9.53 18.04
N PHE A 405 20.53 8.40 18.12
CA PHE A 405 20.23 7.46 19.22
C PHE A 405 20.65 8.03 20.58
N GLN A 406 21.59 8.97 20.60
CA GLN A 406 22.01 9.54 21.88
C GLN A 406 20.90 10.45 22.41
N SER A 407 20.23 11.15 21.52
CA SER A 407 19.13 12.03 21.89
C SER A 407 17.85 11.22 22.19
N PHE A 408 17.72 10.08 21.52
CA PHE A 408 16.49 9.28 21.61
C PHE A 408 16.85 7.84 22.02
N PRO A 409 17.35 7.68 23.23
CA PRO A 409 17.92 6.39 23.61
C PRO A 409 16.90 5.28 23.76
N LYS A 410 15.67 5.63 24.08
CA LYS A 410 14.63 4.60 24.22
C LYS A 410 14.21 4.10 22.83
N VAL A 411 14.50 4.84 21.76
CA VAL A 411 14.28 4.30 20.41
C VAL A 411 15.29 3.22 20.16
N ARG A 412 16.55 3.48 20.52
CA ARG A 412 17.59 2.46 20.46
C ARG A 412 17.16 1.22 21.28
N ALA A 413 16.65 1.45 22.48
CA ALA A 413 16.25 0.31 23.33
C ALA A 413 15.06 -0.44 22.75
N TRP A 414 14.11 0.29 22.17
CA TRP A 414 12.89 -0.34 21.65
C TRP A 414 13.21 -1.29 20.51
N ILE A 415 14.12 -0.91 19.64
CA ILE A 415 14.55 -1.76 18.57
C ILE A 415 15.08 -3.08 19.09
N GLU A 416 15.98 -3.03 20.07
CA GLU A 416 16.50 -4.24 20.64
C GLU A 416 15.45 -5.07 21.41
N LYS A 417 14.52 -4.38 22.09
CA LYS A 417 13.49 -5.07 22.85
C LYS A 417 12.61 -5.87 21.90
N THR A 418 12.30 -5.22 20.78
CA THR A 418 11.43 -5.78 19.76
C THR A 418 12.09 -7.02 19.13
N LEU A 419 13.40 -6.94 18.85
CA LEU A 419 14.13 -8.09 18.37
C LEU A 419 14.16 -9.23 19.42
N GLU A 420 14.29 -8.92 20.70
CA GLU A 420 14.24 -9.99 21.71
C GLU A 420 12.84 -10.64 21.73
N GLU A 421 11.79 -9.86 21.62
CA GLU A 421 10.44 -10.41 21.58
C GLU A 421 10.32 -11.37 20.39
N GLY A 422 10.81 -10.94 19.23
CA GLY A 422 10.77 -11.75 18.02
C GLY A 422 11.52 -13.06 18.16
N ARG A 423 12.68 -13.00 18.81
CA ARG A 423 13.52 -14.18 18.96
C ARG A 423 12.87 -15.16 19.94
N ARG A 424 12.27 -14.63 21.01
CA ARG A 424 11.64 -15.46 22.01
C ARG A 424 10.40 -16.11 21.47
N ARG A 425 9.50 -15.30 20.90
CA ARG A 425 8.15 -15.80 20.60
C ARG A 425 7.97 -16.27 19.14
N GLY A 426 8.89 -15.88 18.26
CA GLY A 426 8.77 -16.23 16.84
C GLY A 426 7.98 -15.24 16.01
N TYR A 427 7.45 -14.21 16.64
CA TYR A 427 6.64 -13.21 15.99
C TYR A 427 6.80 -11.87 16.69
N VAL A 428 6.43 -10.80 15.99
CA VAL A 428 6.31 -9.46 16.56
C VAL A 428 4.89 -8.95 16.31
N GLU A 429 4.51 -7.92 17.07
CA GLU A 429 3.17 -7.40 17.00
C GLU A 429 3.09 -5.86 17.05
N THR A 430 2.02 -5.37 16.46
CA THR A 430 1.68 -3.94 16.48
C THR A 430 1.01 -3.55 17.79
N LEU A 431 0.68 -2.27 17.94
CA LEU A 431 0.00 -1.75 19.13
C LEU A 431 -1.30 -2.55 19.40
N PHE A 432 -1.95 -2.92 18.30
CA PHE A 432 -3.27 -3.59 18.37
C PHE A 432 -3.19 -5.09 18.36
N GLY A 433 -1.97 -5.62 18.31
CA GLY A 433 -1.76 -7.04 18.27
C GLY A 433 -1.77 -7.74 16.91
N ARG A 434 -1.76 -6.96 15.83
CA ARG A 434 -1.52 -7.57 14.53
C ARG A 434 -0.14 -8.17 14.55
N ARG A 435 -0.03 -9.37 14.04
CA ARG A 435 1.13 -10.22 14.22
C ARG A 435 1.83 -10.62 12.92
N ARG A 436 3.15 -10.54 12.91
CA ARG A 436 3.97 -11.09 11.82
C ARG A 436 4.98 -12.06 12.37
N TYR A 437 5.09 -13.22 11.73
CA TYR A 437 6.07 -14.23 12.10
C TYR A 437 7.43 -13.88 11.49
N VAL A 438 8.47 -14.06 12.31
CA VAL A 438 9.83 -13.66 11.97
C VAL A 438 10.83 -14.78 12.25
N PRO A 439 10.75 -15.89 11.50
CA PRO A 439 11.55 -17.07 11.81
C PRO A 439 13.04 -16.94 11.57
N ASP A 440 13.44 -16.00 10.72
CA ASP A 440 14.84 -15.92 10.32
C ASP A 440 15.68 -14.99 11.21
N LEU A 441 15.12 -14.57 12.35
CA LEU A 441 15.95 -13.89 13.35
C LEU A 441 16.99 -14.87 13.88
N GLU A 442 16.72 -16.17 13.69
CA GLU A 442 17.62 -17.21 14.15
C GLU A 442 18.59 -17.68 13.06
N ALA A 443 18.49 -17.09 11.86
CA ALA A 443 19.26 -17.56 10.70
C ALA A 443 20.76 -17.54 10.94
N ARG A 444 21.45 -18.52 10.36
CA ARG A 444 22.91 -18.65 10.49
C ARG A 444 23.65 -17.63 9.61
N VAL A 445 23.15 -17.42 8.39
CA VAL A 445 23.74 -16.46 7.45
C VAL A 445 23.41 -15.02 7.86
N LYS A 446 24.41 -14.32 8.36
CA LYS A 446 24.29 -12.95 8.86
C LYS A 446 23.41 -12.03 8.00
N SER A 447 23.64 -12.02 6.69
CA SER A 447 22.89 -11.14 5.79
C SER A 447 21.38 -11.42 5.80
N VAL A 448 21.01 -12.69 5.83
CA VAL A 448 19.60 -13.08 5.92
C VAL A 448 19.03 -12.68 7.28
N ARG A 449 19.82 -12.90 8.32
CA ARG A 449 19.41 -12.58 9.67
C ARG A 449 19.18 -11.07 9.83
N GLU A 450 20.09 -10.26 9.30
CA GLU A 450 19.99 -8.81 9.45
C GLU A 450 18.78 -8.22 8.69
N ALA A 451 18.46 -8.75 7.51
CA ALA A 451 17.23 -8.35 6.84
C ALA A 451 16.00 -8.78 7.64
N ALA A 452 16.09 -9.96 8.24
CA ALA A 452 14.99 -10.45 9.08
C ALA A 452 14.78 -9.47 10.24
N GLU A 453 15.90 -9.02 10.82
CA GLU A 453 15.86 -8.07 11.93
C GLU A 453 15.21 -6.78 11.52
N ARG A 454 15.62 -6.25 10.37
CA ARG A 454 14.99 -5.05 9.86
C ARG A 454 13.48 -5.19 9.65
N MET A 455 13.04 -6.29 9.04
CA MET A 455 11.61 -6.53 8.86
C MET A 455 10.90 -6.64 10.22
N ALA A 456 11.57 -7.27 11.17
CA ALA A 456 11.00 -7.47 12.50
C ALA A 456 10.71 -6.17 13.25
N PHE A 457 11.62 -5.20 13.33
CA PHE A 457 11.24 -3.99 14.09
C PHE A 457 10.52 -2.94 13.27
N ASN A 458 10.57 -3.03 11.95
CA ASN A 458 9.79 -2.16 11.12
C ASN A 458 8.29 -2.48 11.12
N MET A 459 7.95 -3.76 11.23
CA MET A 459 6.55 -4.14 11.12
C MET A 459 5.65 -3.54 12.21
N PRO A 460 6.06 -3.56 13.50
CA PRO A 460 5.16 -2.94 14.49
C PRO A 460 4.84 -1.49 14.22
N VAL A 461 5.80 -0.77 13.67
CA VAL A 461 5.58 0.62 13.34
C VAL A 461 4.63 0.80 12.14
N GLN A 462 4.98 0.20 11.00
CA GLN A 462 4.14 0.28 9.80
C GLN A 462 2.75 -0.25 10.05
N GLY A 463 2.70 -1.39 10.71
CA GLY A 463 1.43 -2.06 11.00
C GLY A 463 0.52 -1.27 11.94
N THR A 464 1.11 -0.60 12.93
CA THR A 464 0.28 0.25 13.78
C THR A 464 -0.31 1.41 12.97
N ALA A 465 0.53 2.05 12.15
CA ALA A 465 0.07 3.15 11.29
C ALA A 465 -1.04 2.69 10.34
N ALA A 466 -0.88 1.48 9.83
CA ALA A 466 -1.87 0.88 8.93
C ALA A 466 -3.22 0.72 9.64
N ASP A 467 -3.19 0.20 10.86
CA ASP A 467 -4.43 -0.06 11.55
C ASP A 467 -5.09 1.17 12.09
N LEU A 468 -4.31 2.20 12.40
CA LEU A 468 -4.93 3.48 12.72
C LEU A 468 -5.75 4.04 11.55
N MET A 469 -5.17 4.00 10.36
CA MET A 469 -5.87 4.44 9.14
C MET A 469 -7.12 3.62 8.88
N LYS A 470 -7.00 2.30 9.00
CA LYS A 470 -8.14 1.43 8.72
C LYS A 470 -9.28 1.63 9.70
N LEU A 471 -8.95 1.82 10.99
CA LEU A 471 -9.97 2.17 11.98
CA LEU A 471 -9.97 2.15 11.97
C LEU A 471 -10.65 3.48 11.67
N ALA A 472 -9.87 4.48 11.22
CA ALA A 472 -10.42 5.78 10.86
C ALA A 472 -11.37 5.65 9.65
N MET A 473 -11.00 4.81 8.69
CA MET A 473 -11.82 4.54 7.53
C MET A 473 -13.15 3.93 7.95
N VAL A 474 -13.09 2.99 8.88
CA VAL A 474 -14.30 2.35 9.39
C VAL A 474 -15.19 3.35 10.11
N LYS A 475 -14.58 4.19 10.92
CA LYS A 475 -15.31 5.22 11.65
C LYS A 475 -15.89 6.30 10.73
N LEU A 476 -15.18 6.63 9.67
CA LEU A 476 -15.57 7.77 8.85
C LEU A 476 -16.70 7.43 7.89
N PHE A 477 -16.69 6.22 7.39
CA PHE A 477 -17.61 5.81 6.33
C PHE A 477 -19.06 6.21 6.53
N PRO A 478 -19.67 5.82 7.66
CA PRO A 478 -21.09 6.17 7.81
C PRO A 478 -21.38 7.67 7.92
N ARG A 479 -20.40 8.43 8.45
CA ARG A 479 -20.51 9.88 8.55
C ARG A 479 -20.46 10.54 7.15
N LEU A 480 -19.73 9.96 6.21
CA LEU A 480 -19.67 10.50 4.86
C LEU A 480 -20.92 10.11 4.09
N GLU A 481 -21.38 8.89 4.29
CA GLU A 481 -22.56 8.42 3.57
C GLU A 481 -23.72 9.38 3.82
N GLU A 482 -23.83 9.87 5.05
CA GLU A 482 -24.96 10.73 5.42
C GLU A 482 -24.81 12.17 4.94
N MET A 483 -23.70 12.47 4.28
CA MET A 483 -23.50 13.80 3.70
C MET A 483 -23.49 13.73 2.18
N GLY A 484 -23.56 12.53 1.62
CA GLY A 484 -23.50 12.38 0.16
C GLY A 484 -22.07 12.46 -0.33
N ALA A 485 -21.13 12.18 0.56
CA ALA A 485 -19.71 12.10 0.23
C ALA A 485 -19.24 10.66 0.22
N ARG A 486 -18.03 10.42 -0.25
CA ARG A 486 -17.47 9.07 -0.19
C ARG A 486 -15.96 9.02 -0.27
N MET A 487 -15.41 7.91 0.22
CA MET A 487 -14.00 7.62 0.12
C MET A 487 -13.74 7.03 -1.24
N LEU A 488 -12.65 7.48 -1.86
CA LEU A 488 -12.22 6.97 -3.15
C LEU A 488 -10.91 6.22 -3.15
N LEU A 489 -9.88 6.79 -2.52
CA LEU A 489 -8.52 6.23 -2.61
C LEU A 489 -7.86 6.22 -1.24
N GLN A 490 -7.02 5.22 -1.05
CA GLN A 490 -6.15 5.16 0.12
C GLN A 490 -4.78 4.74 -0.39
N VAL A 491 -3.76 5.44 0.09
CA VAL A 491 -2.37 5.18 -0.28
C VAL A 491 -1.47 5.73 0.82
N HIS A 492 -0.38 5.02 1.10
CA HIS A 492 0.58 5.43 2.14
C HIS A 492 -0.22 5.77 3.39
N ASP A 493 -0.14 7.01 3.91
CA ASP A 493 -0.90 7.42 5.10
C ASP A 493 -1.93 8.46 4.78
N GLU A 494 -2.44 8.37 3.55
CA GLU A 494 -3.34 9.34 2.98
C GLU A 494 -4.67 8.70 2.57
N LEU A 495 -5.73 9.51 2.69
CA LEU A 495 -7.07 9.17 2.29
C LEU A 495 -7.67 10.26 1.42
N VAL A 496 -8.23 9.89 0.28
CA VAL A 496 -8.84 10.83 -0.66
C VAL A 496 -10.34 10.62 -0.74
N LEU A 497 -11.07 11.70 -0.45
CA LEU A 497 -12.53 11.72 -0.45
C LEU A 497 -13.02 12.53 -1.63
N GLU A 498 -14.30 12.37 -1.96
CA GLU A 498 -15.00 13.17 -2.95
C GLU A 498 -16.28 13.70 -2.30
N ALA A 499 -16.53 15.00 -2.37
CA ALA A 499 -17.72 15.61 -1.79
C ALA A 499 -18.27 16.68 -2.72
N PRO A 500 -19.60 16.94 -2.66
CA PRO A 500 -20.15 18.07 -3.43
C PRO A 500 -19.51 19.37 -2.97
N LYS A 501 -19.32 20.34 -3.86
CA LYS A 501 -18.52 21.50 -3.51
C LYS A 501 -19.12 22.23 -2.32
N GLU A 502 -20.45 22.21 -2.22
CA GLU A 502 -21.15 22.88 -1.11
C GLU A 502 -20.89 22.20 0.24
N ARG A 503 -20.60 20.90 0.23
CA ARG A 503 -20.32 20.15 1.46
C ARG A 503 -18.83 19.90 1.71
N ALA A 504 -17.97 20.29 0.77
CA ALA A 504 -16.55 19.90 0.83
C ALA A 504 -15.82 20.43 2.09
N GLU A 505 -16.10 21.66 2.48
CA GLU A 505 -15.42 22.26 3.61
C GLU A 505 -15.81 21.57 4.93
N ALA A 506 -17.10 21.36 5.11
CA ALA A 506 -17.58 20.63 6.27
C ALA A 506 -17.07 19.18 6.31
N VAL A 507 -16.96 18.53 5.15
CA VAL A 507 -16.44 17.17 5.06
C VAL A 507 -14.97 17.12 5.48
N ALA A 508 -14.18 18.07 4.99
CA ALA A 508 -12.79 18.19 5.40
C ALA A 508 -12.65 18.32 6.92
N ARG A 509 -13.46 19.19 7.51
CA ARG A 509 -13.38 19.42 8.95
C ARG A 509 -13.79 18.14 9.72
N LEU A 510 -14.87 17.50 9.30
CA LEU A 510 -15.31 16.25 9.95
C LEU A 510 -14.25 15.14 9.82
N ALA A 511 -13.76 14.90 8.60
CA ALA A 511 -12.79 13.84 8.36
C ALA A 511 -11.48 14.07 9.14
N LYS A 512 -11.03 15.31 9.20
CA LYS A 512 -9.82 15.59 9.99
C LYS A 512 -9.99 15.21 11.45
N GLU A 513 -11.14 15.57 12.01
CA GLU A 513 -11.42 15.34 13.43
C GLU A 513 -11.49 13.84 13.71
N VAL A 514 -12.16 13.10 12.83
CA VAL A 514 -12.32 11.66 13.01
C VAL A 514 -10.96 11.01 12.92
N MET A 515 -10.16 11.44 11.95
CA MET A 515 -8.85 10.84 11.77
C MET A 515 -7.92 11.18 12.95
N GLU A 516 -7.90 12.43 13.40
CA GLU A 516 -6.96 12.80 14.45
C GLU A 516 -7.31 12.19 15.80
N GLY A 517 -8.57 11.85 15.99
CA GLY A 517 -9.05 11.33 17.25
C GLY A 517 -9.32 9.83 17.28
N VAL A 518 -8.84 9.10 16.28
CA VAL A 518 -9.26 7.72 16.08
C VAL A 518 -8.80 6.85 17.27
N TYR A 519 -7.64 7.17 17.83
CA TYR A 519 -7.09 6.42 18.95
C TYR A 519 -6.06 7.26 19.68
N PRO A 520 -6.07 7.26 21.01
CA PRO A 520 -5.13 8.09 21.78
C PRO A 520 -3.74 7.51 21.84
N LEU A 521 -2.75 8.35 21.56
CA LEU A 521 -1.36 7.98 21.67
C LEU A 521 -0.64 8.95 22.59
N ALA A 522 0.64 8.69 22.86
CA ALA A 522 1.44 9.51 23.75
C ALA A 522 1.74 10.86 23.11
N VAL A 523 1.48 10.94 21.82
CA VAL A 523 1.66 12.18 21.08
C VAL A 523 0.39 12.43 20.26
N PRO A 524 0.14 13.69 19.88
CA PRO A 524 -1.01 13.96 19.01
C PRO A 524 -0.85 13.33 17.63
N LEU A 525 -1.97 12.93 17.02
CA LEU A 525 -2.01 12.59 15.60
C LEU A 525 -2.39 13.86 14.90
N GLU A 526 -1.66 14.18 13.84
CA GLU A 526 -1.91 15.38 13.08
C GLU A 526 -2.26 15.02 11.62
N VAL A 527 -3.26 15.70 11.09
CA VAL A 527 -3.73 15.46 9.73
C VAL A 527 -3.65 16.75 8.93
N GLU A 528 -2.99 16.65 7.78
CA GLU A 528 -2.93 17.71 6.79
C GLU A 528 -4.07 17.49 5.84
N VAL A 529 -4.82 18.56 5.55
CA VAL A 529 -5.98 18.41 4.67
C VAL A 529 -5.97 19.49 3.60
N GLY A 530 -6.33 19.13 2.37
CA GLY A 530 -6.49 20.11 1.32
C GLY A 530 -7.67 19.71 0.46
N ILE A 531 -8.16 20.67 -0.31
CA ILE A 531 -9.35 20.53 -1.13
C ILE A 531 -9.03 21.04 -2.51
N GLY A 532 -9.49 20.35 -3.55
CA GLY A 532 -9.22 20.77 -4.91
C GLY A 532 -10.00 19.98 -5.94
N GLU A 533 -9.94 20.44 -7.19
CA GLU A 533 -10.66 19.81 -8.28
C GLU A 533 -9.92 18.59 -8.76
N ASP A 534 -8.63 18.53 -8.46
CA ASP A 534 -7.79 17.39 -8.77
C ASP A 534 -6.92 17.05 -7.57
N TRP A 535 -6.40 15.84 -7.58
CA TRP A 535 -5.68 15.28 -6.43
C TRP A 535 -4.40 16.08 -6.14
N LEU A 536 -3.71 16.54 -7.18
CA LEU A 536 -2.50 17.34 -6.95
C LEU A 536 -2.85 18.66 -6.26
N SER A 537 -3.88 19.35 -6.73
CA SER A 537 -4.35 20.60 -6.11
C SER A 537 -4.84 20.40 -4.66
N ALA A 538 -5.31 19.21 -4.36
CA ALA A 538 -5.85 18.91 -3.02
C ALA A 538 -4.72 18.65 -2.03
N LYS A 539 -3.50 18.42 -2.52
CA LYS A 539 -2.33 18.47 -1.65
C LYS A 539 -2.06 19.94 -1.38
N GLU A 540 -2.24 20.37 -0.14
CA GLU A 540 -2.07 21.79 0.16
C GLU A 540 -1.90 22.04 1.66
#